data_8J7Q
#
_entry.id   8J7Q
#
_cell.length_a   83.354
_cell.length_b   90.765
_cell.length_c   94.998
_cell.angle_alpha   90.00
_cell.angle_beta   90.00
_cell.angle_gamma   90.00
#
_symmetry.space_group_name_H-M   'C 2 2 21'
#
loop_
_entity.id
_entity.type
_entity.pdbx_description
1 polymer 'Inorganic pyrophosphatase'
2 water water
#
_entity_poly.entity_id   1
_entity_poly.type   'polypeptide(L)'
_entity_poly.pdbx_seq_one_letter_code
;MSGFSTEERAAPFSLEYRVFLKNEKGQYISPFHDIPIYADKDVFHMVVEVPRWSNAKMEIATKDPLNPIKQDVKKGKLRY
VANLFPYKGYIWNYGAIPQTWEDPGHNDKHTGCCGANAAIAVCEIGSKVCARGEIIGVKVLGILAMIDEGETDWKVIAIN
VDDPDAANYNDINDVKRLKPGYLEATVDWFRRYKVPDGKPENEFAFNAEFKDKDFAIDIIKSTHDHWKALVTKKTNGKGI
SCMNTTLSESPFKCDPDAARAIVDALPPPCESACTVPTDVDKWFHHQKN
;
_entity_poly.pdbx_strand_id   A
#
# COMPACT_ATOMS: atom_id res chain seq x y z
N MET A 1 -15.60 5.09 9.90
CA MET A 1 -14.81 6.23 10.36
C MET A 1 -13.83 6.74 9.29
N SER A 2 -13.56 5.91 8.27
CA SER A 2 -12.71 6.38 7.19
C SER A 2 -13.49 7.37 6.33
N GLY A 3 -12.90 8.54 6.11
CA GLY A 3 -13.49 9.49 5.18
C GLY A 3 -12.99 9.23 3.77
N PHE A 4 -12.87 7.97 3.38
CA PHE A 4 -12.45 7.62 2.02
C PHE A 4 -13.28 6.45 1.51
N SER A 5 -13.34 6.33 0.19
CA SER A 5 -13.96 5.17 -0.41
C SER A 5 -13.29 4.89 -1.76
N THR A 6 -13.61 3.76 -2.35
CA THR A 6 -13.03 3.38 -3.63
C THR A 6 -14.07 3.43 -4.75
N GLU A 7 -13.57 3.61 -5.97
CA GLU A 7 -14.33 3.44 -7.19
C GLU A 7 -13.57 2.43 -8.02
N GLU A 8 -14.19 1.30 -8.27
CA GLU A 8 -13.55 0.17 -8.94
C GLU A 8 -14.01 0.15 -10.39
N ARG A 9 -13.07 0.23 -11.33
CA ARG A 9 -13.39 0.15 -12.74
C ARG A 9 -12.96 -1.21 -13.28
N ALA A 10 -13.84 -1.84 -14.08
CA ALA A 10 -13.60 -3.12 -14.74
C ALA A 10 -13.46 -4.26 -13.74
N ALA A 11 -13.61 -5.51 -14.24
CA ALA A 11 -13.66 -6.59 -13.27
C ALA A 11 -12.37 -6.90 -12.53
N PRO A 12 -12.45 -7.18 -11.22
CA PRO A 12 -11.25 -7.59 -10.48
C PRO A 12 -10.54 -8.74 -11.16
N PHE A 13 -9.21 -8.68 -11.14
CA PHE A 13 -8.31 -9.68 -11.74
C PHE A 13 -8.40 -9.72 -13.25
N SER A 14 -8.79 -8.62 -13.87
CA SER A 14 -8.62 -8.38 -15.30
C SER A 14 -7.50 -7.36 -15.50
N LEU A 15 -7.03 -7.29 -16.75
CA LEU A 15 -5.99 -6.34 -17.13
C LEU A 15 -6.48 -4.90 -17.02
N GLU A 16 -7.79 -4.67 -17.19
CA GLU A 16 -8.37 -3.33 -17.16
C GLU A 16 -8.70 -2.83 -15.75
N TYR A 17 -8.58 -3.68 -14.73
CA TYR A 17 -9.08 -3.36 -13.40
C TYR A 17 -8.28 -2.24 -12.77
N ARG A 18 -8.97 -1.21 -12.26
CA ARG A 18 -8.31 -0.10 -11.57
C ARG A 18 -9.12 0.28 -10.32
N VAL A 19 -8.43 0.62 -9.24
CA VAL A 19 -9.10 1.00 -7.99
C VAL A 19 -8.70 2.44 -7.65
N PHE A 20 -9.63 3.38 -7.84
CA PHE A 20 -9.41 4.78 -7.58
C PHE A 20 -9.93 5.16 -6.19
N LEU A 21 -9.26 6.12 -5.55
CA LEU A 21 -9.69 6.58 -4.24
C LEU A 21 -10.51 7.86 -4.37
N LYS A 22 -11.36 8.08 -3.37
CA LYS A 22 -12.21 9.26 -3.27
C LYS A 22 -12.19 9.72 -1.83
N ASN A 23 -12.21 11.04 -1.65
CA ASN A 23 -12.24 11.62 -0.32
C ASN A 23 -13.69 11.65 0.17
N GLU A 24 -13.93 12.32 1.30
CA GLU A 24 -15.26 12.32 1.90
C GLU A 24 -16.27 13.16 1.13
N LYS A 25 -15.82 13.97 0.17
CA LYS A 25 -16.73 14.70 -0.70
C LYS A 25 -16.93 14.01 -2.05
N GLY A 26 -16.54 12.73 -2.16
CA GLY A 26 -16.71 12.01 -3.41
C GLY A 26 -15.85 12.51 -4.56
N GLN A 27 -14.80 13.28 -4.27
CA GLN A 27 -13.85 13.73 -5.28
C GLN A 27 -12.77 12.67 -5.48
N TYR A 28 -12.46 12.34 -6.73
CA TYR A 28 -11.33 11.46 -6.98
C TYR A 28 -10.03 12.12 -6.53
N ILE A 29 -9.21 11.36 -5.82
CA ILE A 29 -7.92 11.80 -5.31
C ILE A 29 -6.90 10.72 -5.60
N SER A 30 -5.61 11.09 -5.48
CA SER A 30 -4.53 10.11 -5.57
C SER A 30 -4.21 9.54 -4.21
N PRO A 31 -4.18 8.20 -4.06
CA PRO A 31 -3.77 7.62 -2.77
C PRO A 31 -2.31 7.84 -2.51
N PHE A 32 -1.53 8.10 -3.56
CA PHE A 32 -0.11 8.40 -3.42
C PHE A 32 0.09 9.78 -2.81
N HIS A 33 -0.58 10.80 -3.35
CA HIS A 33 -0.26 12.19 -3.01
C HIS A 33 -1.30 12.92 -2.17
N ASP A 34 -2.60 12.59 -2.31
CA ASP A 34 -3.67 13.39 -1.72
C ASP A 34 -4.13 12.91 -0.34
N ILE A 35 -3.74 11.73 0.11
CA ILE A 35 -4.11 11.24 1.45
C ILE A 35 -3.03 11.70 2.43
N PRO A 36 -3.38 12.50 3.45
CA PRO A 36 -2.35 12.99 4.37
C PRO A 36 -1.59 11.86 5.02
N ILE A 37 -0.29 12.08 5.22
CA ILE A 37 0.57 11.04 5.81
C ILE A 37 0.09 10.68 7.21
N TYR A 38 -0.35 11.68 7.99
CA TYR A 38 -0.85 11.46 9.35
C TYR A 38 -2.37 11.42 9.35
N ALA A 39 -2.92 10.46 10.07
CA ALA A 39 -4.35 10.42 10.31
C ALA A 39 -4.74 11.16 11.58
N ASP A 40 -3.79 11.33 12.50
CA ASP A 40 -4.00 11.97 13.78
C ASP A 40 -2.64 11.97 14.45
N LYS A 41 -2.52 12.57 15.64
CA LYS A 41 -1.22 12.58 16.32
C LYS A 41 -0.73 11.16 16.51
N ASP A 42 0.51 10.92 16.08
CA ASP A 42 1.18 9.64 16.25
C ASP A 42 0.49 8.48 15.51
N VAL A 43 -0.41 8.78 14.58
CA VAL A 43 -1.12 7.76 13.82
C VAL A 43 -0.93 8.06 12.34
N PHE A 44 -0.30 7.13 11.62
CA PHE A 44 -0.06 7.28 10.19
C PHE A 44 -1.19 6.70 9.35
N HIS A 45 -1.41 7.30 8.20
CA HIS A 45 -2.33 6.69 7.26
C HIS A 45 -1.65 5.51 6.60
N MET A 46 -2.44 4.49 6.24
CA MET A 46 -1.96 3.39 5.42
C MET A 46 -2.97 3.15 4.30
N VAL A 47 -2.47 3.10 3.07
CA VAL A 47 -3.25 2.62 1.94
C VAL A 47 -3.04 1.11 1.87
N VAL A 48 -4.12 0.35 2.07
CA VAL A 48 -4.03 -1.11 1.97
C VAL A 48 -4.07 -1.48 0.50
N GLU A 49 -2.99 -2.09 0.01
CA GLU A 49 -2.96 -2.57 -1.35
C GLU A 49 -3.41 -4.02 -1.44
N VAL A 50 -3.02 -4.84 -0.48
CA VAL A 50 -3.33 -6.27 -0.53
C VAL A 50 -3.78 -6.78 0.83
N PRO A 51 -4.93 -7.44 0.88
CA PRO A 51 -5.41 -8.01 2.15
C PRO A 51 -4.56 -9.20 2.56
N ARG A 52 -4.47 -9.39 3.88
CA ARG A 52 -3.77 -10.56 4.37
C ARG A 52 -4.38 -11.82 3.74
N TRP A 53 -3.50 -12.76 3.39
CA TRP A 53 -3.82 -14.07 2.84
C TRP A 53 -4.28 -14.05 1.38
N SER A 54 -4.23 -12.88 0.73
CA SER A 54 -4.53 -12.85 -0.71
C SER A 54 -3.25 -13.04 -1.51
N ASN A 55 -3.40 -13.16 -2.84
CA ASN A 55 -2.25 -13.40 -3.69
C ASN A 55 -2.05 -12.40 -4.81
N ALA A 56 -3.10 -11.70 -5.25
CA ALA A 56 -2.95 -10.81 -6.39
C ALA A 56 -1.99 -9.68 -6.03
N LYS A 57 -1.00 -9.47 -6.88
CA LYS A 57 0.06 -8.51 -6.59
C LYS A 57 -0.44 -7.16 -7.07
N MET A 58 -1.11 -6.45 -6.18
CA MET A 58 -1.70 -5.16 -6.52
C MET A 58 -0.98 -4.04 -5.76
N GLU A 59 -0.90 -2.88 -6.40
CA GLU A 59 -0.13 -1.80 -5.79
C GLU A 59 -0.51 -0.47 -6.43
N ILE A 60 -0.22 0.61 -5.71
CA ILE A 60 -0.46 1.94 -6.23
C ILE A 60 0.31 2.09 -7.54
N ALA A 61 -0.36 2.59 -8.56
CA ALA A 61 0.26 2.79 -9.87
C ALA A 61 1.03 4.11 -9.83
N THR A 62 2.33 4.02 -9.56
CA THR A 62 3.14 5.22 -9.38
C THR A 62 3.23 6.08 -10.64
N LYS A 63 3.04 5.49 -11.82
CA LYS A 63 3.21 6.24 -13.06
C LYS A 63 1.90 6.60 -13.75
N ASP A 64 0.73 6.19 -13.17
CA ASP A 64 -0.52 6.47 -13.90
C ASP A 64 -1.26 7.65 -13.28
N PRO A 65 -2.05 8.39 -14.05
CA PRO A 65 -2.73 9.57 -13.50
C PRO A 65 -3.71 9.20 -12.39
N LEU A 66 -3.59 9.88 -11.25
CA LEU A 66 -4.33 9.66 -10.01
C LEU A 66 -3.89 8.40 -9.29
N ASN A 67 -2.85 7.72 -9.78
CA ASN A 67 -2.21 6.58 -9.14
C ASN A 67 -3.20 5.56 -8.57
N PRO A 68 -4.13 5.03 -9.36
CA PRO A 68 -5.03 4.00 -8.82
C PRO A 68 -4.24 2.76 -8.46
N ILE A 69 -4.83 1.95 -7.58
CA ILE A 69 -4.30 0.61 -7.36
C ILE A 69 -4.56 -0.25 -8.58
N LYS A 70 -3.55 -0.97 -9.05
CA LYS A 70 -3.72 -1.89 -10.16
C LYS A 70 -2.85 -3.11 -9.95
N GLN A 71 -3.14 -4.17 -10.68
CA GLN A 71 -2.37 -5.42 -10.56
C GLN A 71 -1.11 -5.36 -11.41
N ASP A 72 -0.01 -5.84 -10.85
CA ASP A 72 1.25 -5.90 -11.57
C ASP A 72 1.14 -6.87 -12.73
N VAL A 73 1.89 -6.58 -13.80
CA VAL A 73 1.90 -7.39 -15.02
C VAL A 73 3.35 -7.61 -15.43
N LYS A 74 3.71 -8.85 -15.74
CA LYS A 74 4.98 -9.15 -16.40
C LYS A 74 4.74 -10.06 -17.60
N LYS A 75 5.18 -9.59 -18.78
CA LYS A 75 4.99 -10.32 -20.04
C LYS A 75 3.52 -10.53 -20.34
N GLY A 76 2.73 -9.48 -20.19
CA GLY A 76 1.32 -9.52 -20.50
C GLY A 76 0.48 -10.35 -19.55
N LYS A 77 1.08 -10.96 -18.52
CA LYS A 77 0.37 -11.80 -17.56
C LYS A 77 0.21 -11.10 -16.22
N LEU A 78 -1.01 -11.11 -15.68
CA LEU A 78 -1.28 -10.60 -14.33
C LEU A 78 -0.49 -11.39 -13.30
N ARG A 79 0.08 -10.70 -12.32
CA ARG A 79 0.97 -11.33 -11.37
C ARG A 79 0.31 -11.63 -10.03
N TYR A 80 0.68 -12.77 -9.45
CA TYR A 80 0.21 -13.26 -8.15
C TYR A 80 1.42 -13.77 -7.38
N VAL A 81 1.50 -13.47 -6.09
CA VAL A 81 2.63 -13.96 -5.31
C VAL A 81 2.43 -15.44 -5.00
N ALA A 82 3.55 -16.15 -4.86
CA ALA A 82 3.49 -17.57 -4.64
C ALA A 82 3.06 -17.86 -3.21
N ASN A 83 2.43 -19.01 -3.02
CA ASN A 83 2.20 -19.50 -1.66
C ASN A 83 3.48 -20.19 -1.21
N LEU A 84 4.19 -19.59 -0.26
CA LEU A 84 5.42 -20.13 0.26
C LEU A 84 5.12 -20.95 1.51
N PHE A 85 5.25 -22.28 1.43
CA PHE A 85 4.95 -23.10 2.60
C PHE A 85 5.72 -22.61 3.82
N PRO A 86 5.07 -22.47 5.00
CA PRO A 86 3.68 -22.81 5.34
C PRO A 86 2.66 -21.66 5.21
N TYR A 87 2.95 -20.62 4.43
CA TYR A 87 2.10 -19.44 4.34
C TYR A 87 1.08 -19.51 3.21
N LYS A 88 -0.02 -18.81 3.40
CA LYS A 88 -0.99 -18.54 2.34
C LYS A 88 -0.83 -17.08 1.94
N GLY A 89 -0.33 -16.85 0.72
CA GLY A 89 -0.27 -15.51 0.16
C GLY A 89 0.55 -14.56 1.03
N TYR A 90 0.11 -13.29 1.04
CA TYR A 90 0.71 -12.26 1.89
C TYR A 90 0.33 -12.52 3.34
N ILE A 91 1.30 -12.55 4.23
CA ILE A 91 1.02 -12.86 5.63
C ILE A 91 0.65 -11.65 6.46
N TRP A 92 0.43 -10.52 5.82
CA TRP A 92 0.00 -9.33 6.51
C TRP A 92 -0.80 -8.50 5.58
N ASN A 93 -1.57 -7.56 6.11
CA ASN A 93 -2.21 -6.61 5.25
C ASN A 93 -1.02 -5.81 4.78
N TYR A 94 -0.91 -5.55 3.50
CA TYR A 94 0.30 -4.95 2.97
C TYR A 94 -0.06 -3.73 2.16
N GLY A 95 0.76 -2.70 2.25
CA GLY A 95 0.40 -1.47 1.59
C GLY A 95 1.47 -0.42 1.71
N ALA A 96 1.08 0.85 1.70
CA ALA A 96 2.06 1.92 1.71
C ALA A 96 1.58 3.07 2.60
N ILE A 97 2.55 3.87 3.06
CA ILE A 97 2.24 5.11 3.76
C ILE A 97 2.17 6.20 2.70
N PRO A 98 1.06 6.92 2.59
CA PRO A 98 0.97 7.93 1.53
C PRO A 98 1.88 9.11 1.83
N GLN A 99 2.17 9.88 0.77
CA GLN A 99 3.00 11.09 0.84
C GLN A 99 4.41 10.77 1.30
N THR A 100 4.91 9.60 0.90
CA THR A 100 6.31 9.22 1.08
C THR A 100 6.85 8.79 -0.26
N TRP A 101 8.17 8.92 -0.43
CA TRP A 101 8.81 8.53 -1.68
C TRP A 101 10.23 8.05 -1.40
N GLU A 102 10.55 6.83 -1.81
CA GLU A 102 11.90 6.29 -1.64
C GLU A 102 12.69 6.71 -2.87
N ASP A 103 13.23 7.92 -2.81
CA ASP A 103 13.91 8.55 -3.93
C ASP A 103 15.03 7.67 -4.48
N PRO A 104 14.94 7.20 -5.73
CA PRO A 104 16.01 6.42 -6.34
C PRO A 104 17.18 7.29 -6.79
N GLY A 115 16.81 3.55 -3.58
CA GLY A 115 15.39 3.87 -3.54
C GLY A 115 14.53 3.02 -4.48
N ALA A 116 13.39 2.55 -3.97
CA ALA A 116 12.47 1.72 -4.73
C ALA A 116 11.56 2.52 -5.67
N ASN A 117 11.62 3.85 -5.62
CA ASN A 117 10.83 4.72 -6.50
C ASN A 117 9.33 4.60 -6.22
N ALA A 118 8.97 4.39 -4.96
CA ALA A 118 7.56 4.31 -4.61
C ALA A 118 7.40 4.76 -3.17
N ALA A 119 6.14 4.87 -2.74
CA ALA A 119 5.85 5.08 -1.33
C ALA A 119 6.42 3.97 -0.47
N ILE A 120 6.70 4.27 0.78
CA ILE A 120 7.36 3.29 1.63
C ILE A 120 6.32 2.27 2.05
N ALA A 121 6.73 1.00 2.06
CA ALA A 121 5.84 -0.13 2.27
C ALA A 121 5.61 -0.38 3.75
N VAL A 122 4.41 -0.86 4.07
CA VAL A 122 3.99 -1.18 5.43
C VAL A 122 3.43 -2.59 5.44
N CYS A 123 3.88 -3.38 6.43
CA CYS A 123 3.30 -4.64 6.85
C CYS A 123 2.45 -4.39 8.10
N GLU A 124 1.13 -4.66 7.96
CA GLU A 124 0.29 -4.32 9.08
C GLU A 124 -0.25 -5.61 9.69
N ILE A 125 -0.09 -5.82 10.94
CA ILE A 125 -0.05 -7.11 11.63
C ILE A 125 -1.32 -7.38 12.44
N GLY A 126 -2.34 -6.54 12.34
CA GLY A 126 -3.53 -6.70 13.16
C GLY A 126 -4.41 -7.87 12.72
N SER A 127 -5.44 -8.11 13.51
CA SER A 127 -6.29 -9.29 13.29
C SER A 127 -7.30 -9.08 12.17
N LYS A 128 -7.76 -7.85 11.94
CA LYS A 128 -8.71 -7.63 10.86
C LYS A 128 -8.03 -7.77 9.50
N VAL A 129 -8.67 -8.51 8.58
CA VAL A 129 -8.26 -8.51 7.16
C VAL A 129 -8.90 -7.31 6.48
N CYS A 130 -8.08 -6.39 6.00
CA CYS A 130 -8.57 -5.17 5.37
C CYS A 130 -8.86 -5.39 3.87
N ALA A 131 -9.57 -4.45 3.27
CA ALA A 131 -9.92 -4.54 1.86
C ALA A 131 -8.93 -3.77 1.00
N ARG A 132 -8.84 -4.18 -0.26
CA ARG A 132 -8.00 -3.48 -1.22
C ARG A 132 -8.50 -2.05 -1.36
N GLY A 133 -7.60 -1.09 -1.17
CA GLY A 133 -7.99 0.31 -1.25
C GLY A 133 -8.61 0.87 0.01
N GLU A 134 -8.82 0.04 1.04
CA GLU A 134 -9.20 0.57 2.35
C GLU A 134 -8.12 1.49 2.91
N ILE A 135 -8.54 2.59 3.53
CA ILE A 135 -7.59 3.50 4.20
C ILE A 135 -7.75 3.32 5.71
N ILE A 136 -6.64 3.07 6.41
CA ILE A 136 -6.69 2.84 7.84
C ILE A 136 -5.66 3.74 8.52
N GLY A 137 -5.74 3.80 9.85
CA GLY A 137 -4.71 4.44 10.67
C GLY A 137 -3.90 3.37 11.35
N VAL A 138 -2.59 3.57 11.41
CA VAL A 138 -1.71 2.57 12.00
C VAL A 138 -0.74 3.25 12.96
N LYS A 139 -0.35 2.48 13.98
CA LYS A 139 0.70 2.81 14.94
C LYS A 139 1.96 2.11 14.47
N VAL A 140 3.02 2.88 14.24
CA VAL A 140 4.27 2.32 13.74
C VAL A 140 5.01 1.66 14.89
N LEU A 141 5.51 0.45 14.67
CA LEU A 141 6.21 -0.26 15.72
C LEU A 141 7.65 -0.52 15.39
N GLY A 142 8.00 -0.60 14.11
CA GLY A 142 9.39 -0.85 13.79
C GLY A 142 9.59 -0.80 12.30
N ILE A 143 10.75 -1.29 11.88
CA ILE A 143 11.07 -1.29 10.45
C ILE A 143 12.12 -2.36 10.18
N LEU A 144 11.97 -3.05 9.05
CA LEU A 144 12.93 -4.02 8.57
C LEU A 144 13.65 -3.42 7.37
N ALA A 145 14.97 -3.60 7.31
CA ALA A 145 15.76 -3.04 6.22
C ALA A 145 16.22 -4.11 5.22
N ASP A 153 15.26 -2.85 0.77
CA ASP A 153 14.45 -1.65 0.97
C ASP A 153 13.68 -1.80 2.30
N TRP A 154 12.83 -0.84 2.62
CA TRP A 154 12.31 -0.70 3.97
C TRP A 154 10.89 -1.22 4.05
N LYS A 155 10.61 -1.99 5.10
CA LYS A 155 9.28 -2.54 5.35
C LYS A 155 8.90 -2.09 6.75
N VAL A 156 8.01 -1.10 6.85
CA VAL A 156 7.52 -0.65 8.13
C VAL A 156 6.66 -1.74 8.76
N ILE A 157 6.77 -1.93 10.07
CA ILE A 157 5.88 -2.80 10.83
C ILE A 157 4.93 -1.93 11.65
N ALA A 158 3.62 -2.15 11.47
CA ALA A 158 2.59 -1.31 12.06
C ALA A 158 1.38 -2.16 12.45
N ILE A 159 0.51 -1.58 13.29
CA ILE A 159 -0.75 -2.22 13.62
C ILE A 159 -1.87 -1.20 13.47
N ASN A 160 -2.97 -1.66 12.88
CA ASN A 160 -4.21 -0.91 12.83
C ASN A 160 -4.53 -0.31 14.19
N VAL A 161 -4.67 1.03 14.23
CA VAL A 161 -4.94 1.72 15.49
C VAL A 161 -6.30 1.32 16.05
N ASP A 162 -7.20 0.85 15.21
CA ASP A 162 -8.52 0.41 15.64
C ASP A 162 -8.56 -1.08 16.00
N ASP A 163 -7.41 -1.76 16.00
CA ASP A 163 -7.38 -3.13 16.48
C ASP A 163 -7.81 -3.19 17.94
N PRO A 164 -8.64 -4.16 18.32
CA PRO A 164 -9.02 -4.29 19.74
C PRO A 164 -7.83 -4.35 20.69
N ASP A 165 -6.69 -4.85 20.22
CA ASP A 165 -5.52 -5.00 21.07
C ASP A 165 -4.46 -3.93 20.84
N ALA A 166 -4.78 -2.86 20.12
CA ALA A 166 -3.74 -1.92 19.68
C ALA A 166 -2.98 -1.31 20.86
N ALA A 167 -3.65 -1.11 22.00
CA ALA A 167 -2.97 -0.46 23.12
C ALA A 167 -1.83 -1.31 23.69
N ASN A 168 -1.86 -2.62 23.46
CA ASN A 168 -0.78 -3.47 23.94
C ASN A 168 0.47 -3.40 23.08
N TYR A 169 0.42 -2.76 21.90
CA TYR A 169 1.53 -2.73 20.95
C TYR A 169 2.07 -1.31 20.86
N ASN A 170 3.29 -1.11 21.34
CA ASN A 170 3.87 0.22 21.25
C ASN A 170 5.30 0.26 20.78
N ASP A 171 6.01 -0.87 20.75
CA ASP A 171 7.31 -0.93 20.10
C ASP A 171 7.52 -2.35 19.57
N ILE A 172 8.63 -2.52 18.85
CA ILE A 172 8.81 -3.74 18.07
C ILE A 172 8.86 -4.98 18.96
N ASN A 173 9.33 -4.85 20.20
CA ASN A 173 9.42 -6.01 21.07
C ASN A 173 8.04 -6.53 21.45
N ASP A 174 7.00 -5.69 21.41
CA ASP A 174 5.68 -6.20 21.71
C ASP A 174 5.23 -7.22 20.67
N VAL A 175 5.66 -7.07 19.42
CA VAL A 175 5.35 -8.08 18.40
C VAL A 175 5.93 -9.42 18.80
N LYS A 176 7.19 -9.42 19.27
CA LYS A 176 7.83 -10.64 19.75
C LYS A 176 7.08 -11.21 20.94
N ARG A 177 6.57 -10.33 21.81
CA ARG A 177 5.91 -10.77 23.03
C ARG A 177 4.56 -11.41 22.74
N LEU A 178 3.71 -10.72 21.97
CA LEU A 178 2.31 -11.07 21.79
C LEU A 178 2.01 -11.76 20.47
N LYS A 179 2.87 -11.64 19.47
CA LYS A 179 2.72 -12.38 18.22
C LYS A 179 4.00 -13.13 17.92
N PRO A 180 4.38 -14.09 18.78
CA PRO A 180 5.65 -14.80 18.59
C PRO A 180 5.72 -15.46 17.22
N GLY A 181 6.90 -15.38 16.60
CA GLY A 181 7.13 -16.01 15.31
C GLY A 181 6.82 -15.13 14.12
N TYR A 182 6.14 -14.01 14.34
CA TYR A 182 5.64 -13.25 13.20
C TYR A 182 6.76 -12.45 12.55
N LEU A 183 7.73 -12.00 13.36
CA LEU A 183 8.86 -11.26 12.81
C LEU A 183 9.77 -12.17 12.01
N GLU A 184 10.04 -13.37 12.56
CA GLU A 184 10.85 -14.35 11.86
C GLU A 184 10.19 -14.76 10.55
N ALA A 185 8.87 -14.92 10.55
CA ALA A 185 8.13 -15.28 9.33
C ALA A 185 8.17 -14.13 8.33
N THR A 186 8.10 -12.89 8.82
CA THR A 186 8.18 -11.73 7.94
C THR A 186 9.52 -11.73 7.18
N VAL A 187 10.61 -11.98 7.91
CA VAL A 187 11.91 -12.05 7.24
C VAL A 187 11.97 -13.23 6.29
N ASP A 188 11.47 -14.39 6.72
CA ASP A 188 11.48 -15.60 5.89
C ASP A 188 10.74 -15.36 4.57
N TRP A 189 9.55 -14.77 4.67
CA TRP A 189 8.74 -14.44 3.51
C TRP A 189 9.49 -13.54 2.55
N PHE A 190 10.03 -12.43 3.05
CA PHE A 190 10.71 -11.52 2.13
C PHE A 190 11.96 -12.15 1.54
N ARG A 191 12.59 -13.06 2.27
CA ARG A 191 13.80 -13.73 1.78
C ARG A 191 13.49 -14.70 0.65
N ARG A 192 12.49 -15.57 0.84
CA ARG A 192 12.18 -16.59 -0.16
C ARG A 192 11.31 -16.08 -1.28
N TYR A 193 10.81 -14.85 -1.17
CA TYR A 193 9.72 -14.33 -2.01
C TYR A 193 10.02 -14.43 -3.50
N LYS A 194 11.21 -14.05 -3.94
CA LYS A 194 11.50 -14.07 -5.37
C LYS A 194 12.01 -15.42 -5.87
N VAL A 195 12.42 -16.32 -4.97
CA VAL A 195 12.68 -17.72 -5.32
C VAL A 195 11.35 -18.34 -5.74
N PRO A 196 11.13 -18.54 -7.06
CA PRO A 196 9.79 -18.83 -7.62
C PRO A 196 9.05 -19.95 -6.92
N GLU A 209 17.72 -7.57 13.21
CA GLU A 209 17.43 -7.20 11.82
C GLU A 209 16.39 -6.10 11.75
N PHE A 210 15.55 -6.03 12.78
CA PHE A 210 14.48 -5.05 12.87
C PHE A 210 14.96 -3.87 13.71
N LYS A 211 14.61 -2.65 13.27
CA LYS A 211 14.85 -1.47 14.08
C LYS A 211 13.54 -1.02 14.73
N ASP A 212 13.65 -0.21 15.77
CA ASP A 212 12.51 0.10 16.63
C ASP A 212 11.70 1.30 16.14
N LYS A 213 10.66 1.62 16.90
CA LYS A 213 9.69 2.66 16.52
C LYS A 213 10.35 3.98 16.12
N ASP A 214 11.20 4.54 16.98
CA ASP A 214 11.76 5.86 16.68
C ASP A 214 12.62 5.84 15.43
N PHE A 215 13.40 4.76 15.25
CA PHE A 215 14.15 4.59 14.01
C PHE A 215 13.21 4.58 12.81
N ALA A 216 12.13 3.80 12.91
CA ALA A 216 11.18 3.69 11.81
C ALA A 216 10.57 5.04 11.48
N ILE A 217 10.17 5.80 12.50
CA ILE A 217 9.55 7.09 12.27
C ILE A 217 10.56 8.07 11.64
N ASP A 218 11.83 7.97 12.04
CA ASP A 218 12.84 8.79 11.37
C ASP A 218 12.92 8.48 9.88
N ILE A 219 12.98 7.18 9.55
CA ILE A 219 13.02 6.78 8.14
C ILE A 219 11.79 7.30 7.40
N ILE A 220 10.62 7.17 8.03
CA ILE A 220 9.39 7.58 7.35
C ILE A 220 9.36 9.08 7.11
N LYS A 221 9.80 9.85 8.10
CA LYS A 221 9.80 11.31 7.95
C LYS A 221 10.78 11.73 6.87
N SER A 222 11.89 11.02 6.74
CA SER A 222 12.82 11.31 5.65
C SER A 222 12.16 11.04 4.29
N THR A 223 11.48 9.89 4.13
CA THR A 223 10.81 9.64 2.87
C THR A 223 9.69 10.65 2.60
N HIS A 224 9.08 11.20 3.65
CA HIS A 224 8.07 12.24 3.49
C HIS A 224 8.68 13.53 2.97
N ASP A 225 9.90 13.85 3.43
CA ASP A 225 10.60 15.03 2.92
C ASP A 225 10.97 14.86 1.45
N HIS A 226 11.47 13.67 1.09
CA HIS A 226 11.73 13.39 -0.33
C HIS A 226 10.46 13.55 -1.16
N TRP A 227 9.33 13.01 -0.66
CA TRP A 227 8.06 13.18 -1.36
C TRP A 227 7.70 14.64 -1.54
N LYS A 228 7.92 15.45 -0.50
CA LYS A 228 7.66 16.89 -0.61
C LYS A 228 8.44 17.49 -1.77
N ALA A 229 9.71 17.08 -1.93
CA ALA A 229 10.50 17.60 -3.05
C ALA A 229 9.95 17.13 -4.39
N LEU A 230 9.43 15.90 -4.40
CA LEU A 230 8.84 15.33 -5.62
C LEU A 230 7.64 16.15 -6.08
N VAL A 231 6.68 16.40 -5.17
CA VAL A 231 5.42 17.03 -5.59
C VAL A 231 5.46 18.55 -5.65
N THR A 232 6.55 19.19 -5.20
CA THR A 232 6.77 20.60 -5.46
C THR A 232 7.77 20.83 -6.60
N LYS A 233 8.14 19.77 -7.31
CA LYS A 233 8.98 19.83 -8.51
C LYS A 233 10.38 20.40 -8.17
N LYS A 234 10.86 20.16 -6.95
CA LYS A 234 12.25 20.45 -6.65
C LYS A 234 13.20 19.38 -7.15
N THR A 235 12.71 18.19 -7.50
CA THR A 235 13.60 17.09 -7.86
C THR A 235 13.00 16.31 -9.03
N ASN A 236 13.85 15.64 -9.80
CA ASN A 236 13.39 14.88 -10.95
C ASN A 236 12.51 13.73 -10.49
N GLY A 237 11.30 13.65 -11.03
CA GLY A 237 10.30 12.68 -10.66
C GLY A 237 10.47 11.28 -11.20
N LYS A 238 11.46 11.02 -12.05
CA LYS A 238 11.74 9.66 -12.54
C LYS A 238 10.47 8.96 -13.03
N GLY A 239 9.64 9.70 -13.76
CA GLY A 239 8.44 9.14 -14.36
C GLY A 239 7.24 8.97 -13.45
N ILE A 240 7.35 9.31 -12.16
CA ILE A 240 6.20 9.28 -11.25
C ILE A 240 5.12 10.23 -11.76
N SER A 241 3.87 9.78 -11.72
CA SER A 241 2.74 10.67 -12.00
C SER A 241 2.38 11.44 -10.73
N CYS A 242 2.54 12.76 -10.76
CA CYS A 242 2.33 13.62 -9.60
C CYS A 242 1.01 14.37 -9.62
N MET A 243 0.19 14.16 -10.64
CA MET A 243 -1.10 14.80 -10.70
C MET A 243 -1.90 14.49 -9.43
N ASN A 244 -2.48 15.52 -8.84
CA ASN A 244 -3.22 15.37 -7.59
C ASN A 244 -4.35 16.37 -7.66
N THR A 245 -5.34 16.22 -6.79
CA THR A 245 -6.49 17.10 -6.85
C THR A 245 -6.69 17.91 -5.58
N THR A 246 -5.82 17.79 -4.57
CA THR A 246 -6.01 18.53 -3.33
C THR A 246 -4.80 19.33 -2.86
N LEU A 247 -3.62 19.15 -3.45
CA LEU A 247 -2.41 19.76 -2.87
C LEU A 247 -2.29 21.19 -3.39
N SER A 248 -2.72 22.16 -2.56
CA SER A 248 -2.77 23.55 -3.01
C SER A 248 -1.38 24.09 -3.32
N GLU A 249 -0.36 23.61 -2.63
CA GLU A 249 1.00 24.10 -2.83
C GLU A 249 1.78 23.24 -3.83
N SER A 250 1.07 22.47 -4.68
CA SER A 250 1.70 21.65 -5.70
C SER A 250 1.35 22.18 -7.09
N PRO A 251 2.35 22.40 -7.96
CA PRO A 251 2.04 22.80 -9.34
C PRO A 251 1.41 21.66 -10.15
N PHE A 252 1.47 20.43 -9.66
CA PHE A 252 0.80 19.32 -10.32
C PHE A 252 -0.67 19.21 -9.97
N LYS A 253 -1.18 20.02 -9.04
CA LYS A 253 -2.59 19.93 -8.67
C LYS A 253 -3.45 20.23 -9.88
N CYS A 254 -4.47 19.41 -10.11
CA CYS A 254 -5.37 19.58 -11.24
C CYS A 254 -6.80 19.72 -10.74
N ASP A 255 -7.63 20.26 -11.61
CA ASP A 255 -9.00 20.59 -11.23
C ASP A 255 -9.80 19.31 -10.97
N PRO A 256 -10.48 19.19 -9.83
CA PRO A 256 -11.16 17.91 -9.53
C PRO A 256 -12.14 17.44 -10.60
N ASP A 257 -13.02 18.34 -11.07
CA ASP A 257 -13.97 17.95 -12.10
C ASP A 257 -13.27 17.48 -13.35
N ALA A 258 -12.23 18.22 -13.77
CA ALA A 258 -11.49 17.83 -14.96
C ALA A 258 -10.88 16.45 -14.78
N ALA A 259 -10.38 16.17 -13.57
CA ALA A 259 -9.72 14.90 -13.31
C ALA A 259 -10.69 13.73 -13.27
N ARG A 260 -11.99 13.98 -13.07
CA ARG A 260 -12.96 12.88 -13.08
C ARG A 260 -12.97 12.14 -14.42
N ALA A 261 -12.58 12.80 -15.51
CA ALA A 261 -12.58 12.14 -16.81
C ALA A 261 -11.62 10.95 -16.85
N ILE A 262 -10.54 10.98 -16.07
CA ILE A 262 -9.63 9.84 -16.00
C ILE A 262 -10.37 8.57 -15.58
N VAL A 263 -11.29 8.69 -14.62
CA VAL A 263 -12.02 7.52 -14.15
C VAL A 263 -13.20 7.22 -15.07
N ASP A 264 -13.96 8.25 -15.44
CA ASP A 264 -15.18 8.04 -16.21
C ASP A 264 -14.89 7.44 -17.58
N ALA A 265 -13.68 7.63 -18.12
CA ALA A 265 -13.38 7.09 -19.44
C ALA A 265 -13.18 5.59 -19.43
N LEU A 266 -12.94 4.99 -18.27
CA LEU A 266 -12.63 3.57 -18.16
C LEU A 266 -13.90 2.73 -18.11
N PRO A 267 -13.79 1.41 -18.26
CA PRO A 267 -14.99 0.57 -18.20
C PRO A 267 -15.70 0.73 -16.87
N PRO A 268 -17.02 0.56 -16.84
CA PRO A 268 -17.78 0.81 -15.62
C PRO A 268 -17.49 -0.24 -14.57
N PRO A 269 -17.85 0.01 -13.31
CA PRO A 269 -17.67 -1.02 -12.28
C PRO A 269 -18.35 -2.32 -12.68
N CYS A 270 -17.72 -3.43 -12.31
CA CYS A 270 -18.22 -4.76 -12.67
C CYS A 270 -18.15 -5.67 -11.46
N GLU A 271 -19.28 -6.30 -11.12
CA GLU A 271 -19.36 -7.07 -9.89
C GLU A 271 -18.70 -8.44 -10.00
N SER A 272 -18.82 -9.09 -11.16
CA SER A 272 -18.26 -10.43 -11.35
C SER A 272 -16.75 -10.33 -11.55
N ALA A 273 -15.99 -10.74 -10.54
CA ALA A 273 -14.54 -10.84 -10.70
C ALA A 273 -14.16 -11.96 -11.67
N CYS A 274 -13.01 -11.79 -12.31
CA CYS A 274 -12.47 -12.84 -13.17
C CYS A 274 -11.93 -14.00 -12.33
N THR A 275 -11.87 -15.17 -12.95
CA THR A 275 -11.29 -16.34 -12.28
C THR A 275 -9.78 -16.18 -12.14
N VAL A 276 -9.25 -16.58 -10.99
CA VAL A 276 -7.83 -16.63 -10.72
C VAL A 276 -7.31 -17.95 -11.30
N PRO A 277 -6.17 -17.95 -11.99
CA PRO A 277 -5.64 -19.22 -12.51
C PRO A 277 -5.40 -20.22 -11.38
N THR A 278 -5.83 -21.47 -11.59
CA THR A 278 -5.67 -22.50 -10.56
C THR A 278 -4.20 -22.68 -10.19
N ASP A 279 -3.28 -22.39 -11.12
CA ASP A 279 -1.85 -22.43 -10.84
C ASP A 279 -1.48 -21.65 -9.59
N VAL A 280 -2.25 -20.61 -9.28
CA VAL A 280 -1.87 -19.75 -8.15
C VAL A 280 -1.94 -20.50 -6.83
N ASP A 281 -2.74 -21.58 -6.76
CA ASP A 281 -2.91 -22.28 -5.49
C ASP A 281 -1.76 -23.21 -5.11
N LYS A 282 -0.80 -23.43 -5.98
CA LYS A 282 0.34 -24.24 -5.62
C LYS A 282 1.11 -23.78 -4.40
N TRP A 283 1.54 -24.72 -3.59
CA TRP A 283 2.33 -24.43 -2.42
C TRP A 283 3.75 -24.62 -2.87
N PHE A 284 4.66 -23.78 -2.44
CA PHE A 284 6.05 -23.98 -2.74
C PHE A 284 6.81 -24.32 -1.46
N HIS A 285 7.49 -25.46 -1.44
CA HIS A 285 8.17 -25.95 -0.26
C HIS A 285 9.67 -25.67 -0.31
N HIS A 286 10.28 -25.56 0.87
CA HIS A 286 11.67 -25.16 1.00
C HIS A 286 12.51 -26.40 1.28
N GLN A 287 13.49 -26.64 0.42
CA GLN A 287 14.22 -27.90 0.43
C GLN A 287 15.34 -27.94 1.48
#